data_4YGM
#
_entry.id   4YGM
#
_cell.length_a   92.786
_cell.length_b   92.786
_cell.length_c   146.744
_cell.angle_alpha   90.00
_cell.angle_beta   90.00
_cell.angle_gamma   120.00
#
_symmetry.space_group_name_H-M   'P 31 2 1'
#
loop_
_entity.id
_entity.type
_entity.pdbx_description
1 polymer 'Uracil-DNA glycosylase'
2 polymer 'DNA polymerase processivity factor component A20'
3 non-polymer 'SULFATE ION'
4 non-polymer URACIL
5 water water
#
loop_
_entity_poly.entity_id
_entity_poly.type
_entity_poly.pdbx_seq_one_letter_code
_entity_poly.pdbx_strand_id
1 'polypeptide(L)'
;MGSSHHHHHHSQDPMNSVTVSHAPYTITYHDDWEPVMSQLVEFYNEVASWLLRDETSPIPDKFFIQLKQPLRNKRVCVCG
IDPYPKDGTGVPFESPNFTKKSIKEIASSISRLTGVIDYKGYNLNIIDGVIPWNYYLSCKLGETKSHAIYWDKISKLLLQ
HITKHVSVLYCLGKTDFSNIRAKLESPVTTIVGYHPAARDRQFEKDRSFEIINVLLELDNKVPINWAQGFIY
;
B,A
2 'polypeptide(L)' GAMTSSADLTNLKELLSLYKSLRFSDSAAIEKYNSLVEWGTSTYWKIGVQKV D,C
#
loop_
_chem_comp.id
_chem_comp.type
_chem_comp.name
_chem_comp.formula
SO4 non-polymer 'SULFATE ION' 'O4 S -2'
URA non-polymer URACIL 'C4 H4 N2 O2'
#
# COMPACT_ATOMS: atom_id res chain seq x y z
N MET A 15 -0.72 -13.16 -5.56
CA MET A 15 -0.52 -14.47 -4.78
C MET A 15 0.40 -15.49 -5.46
N ASN A 16 1.55 -15.73 -4.83
CA ASN A 16 2.61 -16.60 -5.31
C ASN A 16 2.69 -17.78 -4.35
N SER A 17 3.43 -18.80 -4.69
CA SER A 17 3.70 -19.81 -3.68
C SER A 17 5.09 -20.36 -3.77
N VAL A 18 5.52 -20.96 -2.67
CA VAL A 18 6.81 -21.60 -2.59
C VAL A 18 6.56 -22.95 -1.91
N THR A 19 7.48 -23.89 -2.15
CA THR A 19 7.35 -25.27 -1.70
C THR A 19 8.33 -25.53 -0.56
N VAL A 20 7.86 -26.12 0.53
CA VAL A 20 8.74 -26.56 1.64
C VAL A 20 8.70 -28.07 1.78
N SER A 21 9.64 -28.62 2.55
CA SER A 21 9.74 -30.08 2.71
C SER A 21 8.95 -30.76 3.82
N HIS A 22 8.17 -29.98 4.56
CA HIS A 22 7.33 -30.47 5.62
C HIS A 22 6.01 -29.75 5.54
N ALA A 23 4.97 -30.40 6.07
CA ALA A 23 3.68 -29.74 6.22
C ALA A 23 3.88 -28.29 6.69
N PRO A 24 3.24 -27.31 6.04
CA PRO A 24 2.15 -27.50 5.09
C PRO A 24 2.56 -27.72 3.60
N TYR A 25 3.85 -27.84 3.31
CA TYR A 25 4.41 -28.10 1.96
C TYR A 25 4.33 -26.95 0.96
N THR A 26 3.23 -26.23 0.94
CA THR A 26 3.09 -25.04 0.14
C THR A 26 2.85 -23.83 1.07
N ILE A 27 3.53 -22.73 0.79
CA ILE A 27 3.26 -21.44 1.45
C ILE A 27 2.90 -20.41 0.38
N THR A 28 1.67 -19.89 0.44
CA THR A 28 1.14 -18.88 -0.46
C THR A 28 1.39 -17.50 0.14
N TYR A 29 1.84 -16.56 -0.69
CA TYR A 29 2.21 -15.26 -0.13
C TYR A 29 1.89 -14.11 -1.09
N HIS A 30 1.50 -12.97 -0.53
CA HIS A 30 1.33 -11.76 -1.32
C HIS A 30 2.70 -11.27 -1.81
N ASP A 31 2.73 -10.66 -3.00
CA ASP A 31 3.96 -10.07 -3.55
C ASP A 31 4.82 -9.26 -2.54
N ASP A 32 4.20 -8.54 -1.61
CA ASP A 32 4.96 -7.65 -0.73
C ASP A 32 5.92 -8.46 0.17
N TRP A 33 5.68 -9.76 0.33
CA TRP A 33 6.58 -10.63 1.14
C TRP A 33 7.74 -11.28 0.38
N GLU A 34 7.74 -11.14 -0.93
CA GLU A 34 8.73 -11.79 -1.77
C GLU A 34 10.17 -11.75 -1.26
N PRO A 35 10.68 -10.61 -0.78
CA PRO A 35 12.11 -10.62 -0.39
C PRO A 35 12.52 -11.57 0.75
N VAL A 36 11.59 -12.00 1.61
CA VAL A 36 11.96 -12.94 2.68
C VAL A 36 11.71 -14.41 2.35
N MET A 37 11.03 -14.71 1.24
CA MET A 37 10.49 -16.06 1.07
C MET A 37 11.53 -17.12 0.90
N SER A 38 12.65 -16.84 0.25
CA SER A 38 13.65 -17.92 0.05
C SER A 38 14.34 -18.26 1.41
N GLN A 39 14.59 -17.25 2.22
CA GLN A 39 15.15 -17.46 3.56
C GLN A 39 14.15 -18.16 4.49
N LEU A 40 12.87 -17.79 4.40
CA LEU A 40 11.82 -18.50 5.14
C LEU A 40 11.82 -20.01 4.85
N VAL A 41 11.87 -20.34 3.56
CA VAL A 41 11.94 -21.75 3.13
C VAL A 41 13.12 -22.46 3.79
N GLU A 42 14.30 -21.88 3.72
CA GLU A 42 15.49 -22.55 4.30
C GLU A 42 15.30 -22.75 5.81
N PHE A 43 14.81 -21.72 6.51
CA PHE A 43 14.64 -21.81 7.98
C PHE A 43 13.56 -22.79 8.39
N TYR A 44 12.45 -22.75 7.68
CA TYR A 44 11.36 -23.64 8.00
C TYR A 44 11.75 -25.06 7.78
N ASN A 45 12.42 -25.34 6.66
CA ASN A 45 12.88 -26.74 6.42
C ASN A 45 13.79 -27.32 7.50
N GLU A 46 14.58 -26.49 8.16
CA GLU A 46 15.49 -27.06 9.17
C GLU A 46 14.78 -27.38 10.49
N VAL A 47 13.60 -26.77 10.75
CA VAL A 47 12.95 -26.95 12.06
C VAL A 47 11.63 -27.69 12.09
N ALA A 48 10.96 -27.75 10.95
CA ALA A 48 9.56 -28.15 10.89
C ALA A 48 9.28 -29.54 11.41
N SER A 49 10.20 -30.47 11.18
CA SER A 49 9.93 -31.85 11.60
C SER A 49 9.83 -31.91 13.13
N TRP A 50 10.65 -31.11 13.80
CA TRP A 50 10.64 -31.11 15.27
C TRP A 50 9.35 -30.58 15.75
N LEU A 51 8.93 -29.46 15.16
CA LEU A 51 7.77 -28.79 15.65
C LEU A 51 6.50 -29.58 15.34
N LEU A 52 6.50 -30.30 14.21
CA LEU A 52 5.38 -31.12 13.84
C LEU A 52 5.22 -32.41 14.68
N ARG A 53 6.17 -32.74 15.53
CA ARG A 53 5.95 -33.84 16.48
C ARG A 53 4.79 -33.58 17.46
N ASP A 54 4.44 -32.32 17.68
CA ASP A 54 3.34 -31.93 18.55
C ASP A 54 2.12 -31.58 17.73
N GLU A 55 0.95 -31.79 18.31
CA GLU A 55 -0.25 -31.17 17.79
C GLU A 55 -0.17 -29.68 18.08
N THR A 56 -0.57 -28.84 17.11
CA THR A 56 -0.38 -27.40 17.23
C THR A 56 -1.64 -26.57 17.20
N SER A 57 -1.53 -25.36 17.78
CA SER A 57 -2.41 -24.27 17.45
C SER A 57 -1.59 -23.22 16.67
N PRO A 58 -2.02 -22.81 15.46
CA PRO A 58 -3.06 -23.41 14.68
C PRO A 58 -2.53 -24.68 14.01
N ILE A 59 -3.33 -25.26 13.13
CA ILE A 59 -2.88 -26.40 12.38
C ILE A 59 -1.81 -25.95 11.39
N PRO A 60 -0.93 -26.88 10.97
CA PRO A 60 0.14 -26.50 10.03
C PRO A 60 -0.32 -25.78 8.74
N ASP A 61 -1.50 -26.14 8.23
CA ASP A 61 -2.08 -25.52 7.02
C ASP A 61 -2.52 -24.06 7.25
N LYS A 62 -2.50 -23.60 8.49
CA LYS A 62 -2.81 -22.22 8.82
C LYS A 62 -1.63 -21.45 9.42
N PHE A 63 -0.48 -22.06 9.65
CA PHE A 63 0.68 -21.32 10.23
C PHE A 63 0.93 -19.98 9.50
N PHE A 64 0.91 -20.02 8.16
CA PHE A 64 1.37 -18.89 7.39
C PHE A 64 0.28 -18.09 6.69
N ILE A 65 -0.97 -18.23 7.09
CA ILE A 65 -1.99 -17.52 6.33
C ILE A 65 -1.88 -15.99 6.33
N GLN A 66 -1.24 -15.39 7.35
CA GLN A 66 -1.07 -13.91 7.34
C GLN A 66 -0.11 -13.39 6.24
N LEU A 67 0.66 -14.30 5.63
CA LEU A 67 1.51 -13.92 4.51
C LEU A 67 0.71 -13.64 3.23
N LYS A 68 -0.57 -13.97 3.23
CA LYS A 68 -1.45 -13.48 2.15
C LYS A 68 -1.83 -11.99 2.22
N GLN A 69 -1.54 -11.33 3.34
CA GLN A 69 -1.89 -9.92 3.48
C GLN A 69 -0.83 -9.10 2.79
N PRO A 70 -1.25 -8.04 2.08
CA PRO A 70 -0.27 -7.01 1.72
C PRO A 70 0.34 -6.26 2.92
N LEU A 71 1.52 -5.72 2.68
CA LEU A 71 2.20 -4.87 3.67
C LEU A 71 2.25 -3.37 3.34
N ARG A 72 2.27 -3.04 2.05
CA ARG A 72 2.54 -1.67 1.65
C ARG A 72 1.47 -0.66 2.07
N ASN A 73 0.25 -1.12 2.30
CA ASN A 73 -0.88 -0.34 2.84
C ASN A 73 -1.03 -0.39 4.34
N LYS A 74 -0.02 -0.93 5.04
CA LYS A 74 -0.12 -1.14 6.50
C LYS A 74 0.59 -0.02 7.27
N ARG A 75 -0.13 0.59 8.23
CA ARG A 75 0.45 1.62 9.09
C ARG A 75 0.89 1.08 10.47
N VAL A 76 0.27 0.00 10.91
CA VAL A 76 0.44 -0.51 12.27
C VAL A 76 0.51 -2.01 12.26
N CYS A 77 1.45 -2.58 13.02
CA CYS A 77 1.45 -4.01 13.32
C CYS A 77 1.01 -4.19 14.78
N VAL A 78 -0.01 -5.02 15.01
CA VAL A 78 -0.48 -5.37 16.35
C VAL A 78 -0.02 -6.79 16.57
N CYS A 79 0.91 -6.94 17.51
CA CYS A 79 1.68 -8.18 17.65
C CYS A 79 1.48 -8.83 19.02
N GLY A 80 0.96 -10.05 19.02
CA GLY A 80 0.97 -10.92 20.18
C GLY A 80 2.13 -11.89 20.17
N ILE A 81 2.34 -12.59 21.26
CA ILE A 81 3.52 -13.44 21.37
C ILE A 81 3.38 -14.72 20.53
N ASP A 82 2.22 -15.38 20.65
CA ASP A 82 1.95 -16.65 19.94
C ASP A 82 0.44 -16.94 19.88
N PRO A 83 0.03 -17.99 19.16
CA PRO A 83 -1.42 -18.16 19.00
C PRO A 83 -2.15 -18.52 20.27
N TYR A 84 -3.47 -18.40 20.22
CA TYR A 84 -4.31 -19.04 21.28
C TYR A 84 -3.79 -20.44 21.53
N PRO A 85 -3.60 -20.81 22.82
CA PRO A 85 -3.22 -22.22 23.10
C PRO A 85 -4.10 -23.25 22.38
N LYS A 86 -5.37 -22.93 22.18
CA LYS A 86 -6.25 -23.80 21.38
C LYS A 86 -7.13 -23.01 20.44
N ASP A 87 -7.46 -23.61 19.31
CA ASP A 87 -8.37 -23.01 18.32
C ASP A 87 -7.78 -21.82 17.52
N GLY A 88 -6.44 -21.66 17.50
CA GLY A 88 -5.83 -20.64 16.64
C GLY A 88 -6.28 -20.85 15.21
N THR A 89 -6.61 -19.77 14.51
CA THR A 89 -7.01 -19.87 13.12
C THR A 89 -5.89 -19.59 12.13
N GLY A 90 -4.74 -19.15 12.61
CA GLY A 90 -3.69 -18.56 11.79
C GLY A 90 -3.78 -17.02 11.65
N VAL A 91 -4.92 -16.43 12.00
CA VAL A 91 -5.09 -14.96 12.06
C VAL A 91 -4.99 -14.60 13.54
N PRO A 92 -3.98 -13.80 13.90
CA PRO A 92 -3.80 -13.50 15.31
C PRO A 92 -5.03 -12.85 15.97
N PHE A 93 -5.32 -13.31 17.17
CA PHE A 93 -6.47 -12.91 17.96
C PHE A 93 -7.86 -13.31 17.42
N GLU A 94 -7.94 -13.87 16.23
CA GLU A 94 -9.23 -14.13 15.61
C GLU A 94 -9.95 -15.30 16.28
N SER A 95 -11.21 -15.03 16.68
CA SER A 95 -12.14 -16.02 17.28
C SER A 95 -13.42 -15.92 16.44
N PRO A 96 -13.61 -16.82 15.47
CA PRO A 96 -14.75 -16.76 14.53
C PRO A 96 -16.12 -16.57 15.21
N ASN A 97 -16.34 -17.21 16.35
CA ASN A 97 -17.62 -17.07 17.05
C ASN A 97 -17.52 -16.18 18.29
N PHE A 98 -16.46 -15.38 18.32
CA PHE A 98 -16.23 -14.36 19.33
C PHE A 98 -16.33 -14.94 20.72
N THR A 99 -15.51 -15.95 20.97
CA THR A 99 -15.56 -16.65 22.27
C THR A 99 -14.31 -16.53 23.15
N LYS A 100 -13.17 -16.13 22.58
CA LYS A 100 -11.91 -16.05 23.34
C LYS A 100 -11.84 -14.79 24.18
N LYS A 101 -11.33 -14.90 25.38
CA LYS A 101 -11.30 -13.77 26.28
C LYS A 101 -10.52 -12.56 25.71
N SER A 102 -9.35 -12.83 25.12
CA SER A 102 -8.49 -11.75 24.62
C SER A 102 -9.15 -10.85 23.60
N ILE A 103 -9.81 -11.45 22.62
CA ILE A 103 -10.48 -10.63 21.62
C ILE A 103 -11.70 -9.88 22.20
N LYS A 104 -12.38 -10.47 23.16
CA LYS A 104 -13.52 -9.79 23.78
C LYS A 104 -13.05 -8.56 24.57
N GLU A 105 -11.94 -8.71 25.27
CA GLU A 105 -11.30 -7.62 26.00
C GLU A 105 -10.84 -6.50 25.07
N ILE A 106 -10.17 -6.89 23.98
CA ILE A 106 -9.78 -5.90 22.97
C ILE A 106 -11.05 -5.14 22.49
N ALA A 107 -12.13 -5.89 22.19
CA ALA A 107 -13.37 -5.29 21.72
C ALA A 107 -14.01 -4.35 22.74
N SER A 108 -13.99 -4.74 24.02
CA SER A 108 -14.52 -3.83 25.07
C SER A 108 -13.73 -2.53 25.11
N SER A 109 -12.39 -2.60 25.05
CA SER A 109 -11.60 -1.35 24.98
C SER A 109 -11.97 -0.49 23.81
N ILE A 110 -12.18 -1.09 22.64
CA ILE A 110 -12.52 -0.28 21.48
C ILE A 110 -13.95 0.28 21.62
N SER A 111 -14.86 -0.52 22.18
CA SER A 111 -16.24 -0.07 22.54
C SER A 111 -16.19 1.23 23.36
N ARG A 112 -15.42 1.17 24.45
CA ARG A 112 -15.20 2.31 25.33
C ARG A 112 -14.60 3.47 24.58
N LEU A 113 -13.59 3.22 23.75
CA LEU A 113 -12.99 4.28 22.94
C LEU A 113 -13.97 4.95 21.96
N THR A 114 -14.70 4.14 21.20
CA THR A 114 -15.45 4.65 20.06
C THR A 114 -16.93 4.94 20.37
N GLY A 115 -17.42 4.44 21.50
CA GLY A 115 -18.83 4.49 21.82
C GLY A 115 -19.73 3.55 21.03
N VAL A 116 -19.18 2.55 20.35
CA VAL A 116 -20.00 1.49 19.78
C VAL A 116 -20.34 0.47 20.87
N ILE A 117 -21.61 0.38 21.26
CA ILE A 117 -22.02 -0.48 22.38
C ILE A 117 -22.65 -1.81 21.97
N ASP A 118 -23.38 -1.85 20.86
CA ASP A 118 -23.96 -3.11 20.35
C ASP A 118 -23.13 -3.70 19.21
N TYR A 119 -22.55 -4.86 19.44
CA TYR A 119 -21.81 -5.58 18.41
C TYR A 119 -21.81 -7.06 18.75
N LYS A 120 -21.59 -7.89 17.74
CA LYS A 120 -21.51 -9.33 17.94
C LYS A 120 -20.11 -9.90 17.80
N GLY A 121 -19.16 -9.11 17.30
CA GLY A 121 -17.77 -9.62 17.22
C GLY A 121 -16.73 -8.56 16.92
N TYR A 122 -15.46 -8.97 16.90
CA TYR A 122 -14.36 -8.05 16.60
C TYR A 122 -13.23 -8.82 16.01
N ASN A 123 -12.62 -8.23 14.99
CA ASN A 123 -11.48 -8.84 14.31
C ASN A 123 -10.45 -7.78 13.90
N LEU A 124 -9.20 -7.95 14.34
CA LEU A 124 -8.17 -6.99 14.02
C LEU A 124 -7.79 -7.06 12.54
N ASN A 125 -8.08 -8.18 11.91
CA ASN A 125 -7.67 -8.38 10.54
C ASN A 125 -8.57 -7.73 9.50
N ILE A 126 -9.66 -7.07 9.87
CA ILE A 126 -10.49 -6.39 8.87
C ILE A 126 -10.40 -4.88 9.00
N ILE A 127 -9.42 -4.40 9.75
CA ILE A 127 -9.18 -2.97 9.93
C ILE A 127 -8.14 -2.48 8.93
N ASP A 128 -8.53 -1.46 8.14
CA ASP A 128 -7.64 -0.79 7.24
C ASP A 128 -6.40 -0.28 7.94
N GLY A 129 -5.26 -0.65 7.38
CA GLY A 129 -4.00 -0.14 7.85
C GLY A 129 -3.36 -0.96 8.96
N VAL A 130 -4.03 -2.00 9.42
CA VAL A 130 -3.56 -2.86 10.51
C VAL A 130 -3.18 -4.24 10.00
N ILE A 131 -1.98 -4.71 10.41
CA ILE A 131 -1.69 -6.15 10.27
C ILE A 131 -1.51 -6.83 11.66
N PRO A 132 -2.47 -7.68 12.08
CA PRO A 132 -2.25 -8.42 13.29
C PRO A 132 -1.24 -9.53 13.04
N TRP A 133 -0.39 -9.75 14.04
CA TRP A 133 0.80 -10.62 13.86
C TRP A 133 1.03 -11.38 15.14
N ASN A 134 1.62 -12.56 15.00
CA ASN A 134 2.13 -13.30 16.14
C ASN A 134 3.59 -13.52 16.02
N TYR A 135 4.33 -13.21 17.06
CA TYR A 135 5.78 -13.30 17.02
C TYR A 135 6.21 -14.74 16.71
N TYR A 136 5.68 -15.69 17.47
CA TYR A 136 5.83 -17.13 17.18
C TYR A 136 4.57 -17.64 16.49
N LEU A 137 4.74 -18.50 15.47
CA LEU A 137 3.64 -18.85 14.56
C LEU A 137 2.89 -20.13 14.97
N SER A 138 3.35 -20.80 16.02
CA SER A 138 2.63 -21.92 16.56
C SER A 138 3.00 -22.11 18.00
N CYS A 139 2.16 -22.86 18.69
CA CYS A 139 2.52 -23.46 19.98
C CYS A 139 2.00 -24.89 19.96
N LYS A 140 2.60 -25.74 20.78
CA LYS A 140 2.05 -27.06 21.05
C LYS A 140 0.70 -26.83 21.69
N LEU A 141 -0.26 -27.63 21.30
CA LEU A 141 -1.62 -27.44 21.76
C LEU A 141 -1.68 -27.34 23.29
N GLY A 142 -2.30 -26.28 23.79
CA GLY A 142 -2.46 -26.05 25.21
C GLY A 142 -1.34 -25.40 25.98
N GLU A 143 -0.24 -25.05 25.31
CA GLU A 143 1.00 -24.60 25.99
C GLU A 143 1.67 -23.39 25.33
N THR A 144 1.42 -22.20 25.86
CA THR A 144 2.00 -20.94 25.33
C THR A 144 3.51 -20.94 25.39
N LYS A 145 4.09 -20.41 24.32
CA LYS A 145 5.54 -20.28 24.11
C LYS A 145 6.30 -21.58 23.97
N SER A 146 5.62 -22.70 23.82
CA SER A 146 6.29 -23.98 23.72
C SER A 146 7.16 -24.15 22.46
N HIS A 147 6.93 -23.34 21.43
CA HIS A 147 7.67 -23.45 20.16
C HIS A 147 8.58 -22.27 19.89
N ALA A 148 8.82 -21.42 20.91
CA ALA A 148 9.76 -20.29 20.83
C ALA A 148 11.12 -20.70 20.23
N ILE A 149 11.66 -21.79 20.74
CA ILE A 149 12.94 -22.27 20.30
C ILE A 149 12.96 -22.61 18.78
N TYR A 150 11.83 -23.04 18.22
CA TYR A 150 11.80 -23.42 16.78
C TYR A 150 11.68 -22.23 15.85
N TRP A 151 10.87 -21.25 16.27
CA TRP A 151 10.51 -20.14 15.41
C TRP A 151 11.54 -19.02 15.40
N ASP A 152 12.36 -18.94 16.44
CA ASP A 152 13.27 -17.81 16.73
C ASP A 152 13.80 -17.05 15.51
N LYS A 153 14.52 -17.75 14.63
CA LYS A 153 15.13 -17.08 13.48
C LYS A 153 14.08 -16.62 12.45
N ILE A 154 13.05 -17.43 12.27
CA ILE A 154 11.96 -17.06 11.40
C ILE A 154 11.24 -15.83 11.95
N SER A 155 11.01 -15.81 13.27
CA SER A 155 10.28 -14.72 13.90
C SER A 155 10.95 -13.39 13.68
N LYS A 156 12.27 -13.36 13.82
CA LYS A 156 13.04 -12.16 13.51
C LYS A 156 12.95 -11.75 12.07
N LEU A 157 13.10 -12.73 11.17
CA LEU A 157 13.06 -12.47 9.76
C LEU A 157 11.76 -11.79 9.36
N LEU A 158 10.66 -12.37 9.78
CA LEU A 158 9.34 -11.86 9.40
C LEU A 158 9.00 -10.56 10.09
N LEU A 159 9.31 -10.43 11.36
CA LEU A 159 8.95 -9.18 12.03
C LEU A 159 9.80 -8.03 11.52
N GLN A 160 11.06 -8.28 11.25
CA GLN A 160 11.89 -7.26 10.63
C GLN A 160 11.31 -6.78 9.30
N HIS A 161 10.80 -7.71 8.49
CA HIS A 161 10.22 -7.34 7.21
C HIS A 161 8.97 -6.48 7.38
N ILE A 162 8.10 -6.85 8.31
CA ILE A 162 6.91 -6.09 8.63
C ILE A 162 7.24 -4.66 9.03
N THR A 163 8.24 -4.53 9.89
CA THR A 163 8.59 -3.24 10.43
C THR A 163 9.30 -2.29 9.48
N LYS A 164 9.68 -2.77 8.29
CA LYS A 164 10.11 -1.88 7.20
C LYS A 164 8.93 -1.15 6.61
N HIS A 165 7.73 -1.68 6.77
CA HIS A 165 6.52 -1.09 6.16
C HIS A 165 5.65 -0.28 7.10
N VAL A 166 5.47 -0.72 8.33
CA VAL A 166 4.57 -0.07 9.26
C VAL A 166 5.29 1.12 9.92
N SER A 167 4.49 2.09 10.33
CA SER A 167 4.95 3.23 11.08
C SER A 167 5.11 2.88 12.57
N VAL A 168 4.21 2.02 13.07
CA VAL A 168 4.07 1.70 14.53
C VAL A 168 3.91 0.21 14.75
N LEU A 169 4.74 -0.31 15.66
CA LEU A 169 4.63 -1.67 16.16
C LEU A 169 4.06 -1.63 17.56
N TYR A 170 2.92 -2.30 17.77
CA TYR A 170 2.28 -2.40 19.08
C TYR A 170 2.34 -3.82 19.53
N CYS A 171 3.06 -4.08 20.61
CA CYS A 171 3.20 -5.42 21.14
C CYS A 171 2.38 -5.56 22.43
N LEU A 172 1.69 -6.69 22.55
CA LEU A 172 0.86 -6.97 23.72
C LEU A 172 1.52 -7.99 24.62
N GLY A 173 1.98 -7.54 25.78
CA GLY A 173 2.55 -8.39 26.82
C GLY A 173 3.84 -7.78 27.33
N LYS A 174 3.81 -7.21 28.55
CA LYS A 174 4.96 -6.47 29.06
C LYS A 174 6.14 -7.42 29.25
N THR A 175 5.88 -8.60 29.80
CA THR A 175 6.96 -9.54 30.02
C THR A 175 7.46 -10.13 28.71
N ASP A 176 6.51 -10.56 27.90
CA ASP A 176 6.87 -11.23 26.64
C ASP A 176 7.72 -10.38 25.73
N PHE A 177 7.47 -9.08 25.73
CA PHE A 177 8.12 -8.20 24.80
C PHE A 177 9.10 -7.26 25.43
N SER A 178 9.56 -7.58 26.65
CA SER A 178 10.48 -6.67 27.38
C SER A 178 11.78 -6.46 26.59
N ASN A 179 12.19 -7.44 25.79
CA ASN A 179 13.43 -7.34 24.99
C ASN A 179 13.23 -7.23 23.46
N ILE A 180 12.08 -6.73 23.04
CA ILE A 180 11.76 -6.76 21.58
C ILE A 180 12.73 -5.96 20.71
N ARG A 181 13.28 -4.87 21.23
CA ARG A 181 14.21 -4.03 20.45
C ARG A 181 15.44 -4.79 19.95
N ALA A 182 15.94 -5.69 20.78
CA ALA A 182 17.08 -6.55 20.40
C ALA A 182 16.79 -7.47 19.23
N LYS A 183 15.52 -7.74 18.94
CA LYS A 183 15.15 -8.60 17.86
C LYS A 183 15.04 -7.86 16.54
N LEU A 184 15.15 -6.54 16.57
CA LEU A 184 14.97 -5.74 15.37
C LEU A 184 16.21 -5.02 14.99
N GLU A 185 16.38 -4.86 13.70
CA GLU A 185 17.55 -4.17 13.17
C GLU A 185 17.29 -2.66 13.19
N SER A 186 16.45 -2.17 12.27
CA SER A 186 16.21 -0.76 12.15
C SER A 186 15.24 -0.35 13.23
N PRO A 187 15.50 0.79 13.89
CA PRO A 187 14.49 1.31 14.80
C PRO A 187 13.13 1.55 14.12
N VAL A 188 12.07 1.28 14.88
CA VAL A 188 10.69 1.54 14.43
C VAL A 188 9.97 2.01 15.70
N THR A 189 9.01 2.92 15.56
CA THR A 189 8.12 3.23 16.66
C THR A 189 7.52 1.99 17.32
N THR A 190 7.80 1.80 18.61
CA THR A 190 7.48 0.58 19.29
C THR A 190 6.81 0.89 20.61
N ILE A 191 5.58 0.41 20.77
CA ILE A 191 4.83 0.50 22.02
C ILE A 191 4.56 -0.89 22.54
N VAL A 192 4.97 -1.13 23.78
CA VAL A 192 4.66 -2.38 24.46
C VAL A 192 3.62 -2.09 25.53
N GLY A 193 2.44 -2.65 25.38
CA GLY A 193 1.43 -2.55 26.40
C GLY A 193 1.13 -3.89 27.05
N TYR A 194 0.11 -3.88 27.90
CA TYR A 194 -0.27 -5.08 28.64
C TYR A 194 -0.98 -6.10 27.74
N HIS A 195 -0.82 -7.37 28.07
CA HIS A 195 -1.64 -8.45 27.52
C HIS A 195 -3.07 -8.31 28.07
N PRO A 196 -4.09 -8.65 27.27
CA PRO A 196 -5.49 -8.57 27.76
C PRO A 196 -5.82 -9.27 29.07
N ALA A 197 -5.12 -10.35 29.38
CA ALA A 197 -5.21 -11.06 30.70
C ALA A 197 -4.26 -10.57 31.81
N ALA A 198 -3.66 -9.39 31.70
CA ALA A 198 -2.85 -8.84 32.78
C ALA A 198 -3.69 -8.67 34.08
N ARG A 199 -3.05 -8.88 35.22
CA ARG A 199 -3.65 -8.63 36.54
C ARG A 199 -4.27 -7.24 36.66
N ASP A 200 -5.22 -7.08 37.59
CA ASP A 200 -5.70 -5.77 38.06
C ASP A 200 -6.32 -4.89 37.02
N ARG A 201 -6.96 -5.50 36.03
CA ARG A 201 -7.59 -4.76 34.93
C ARG A 201 -6.61 -3.81 34.22
N GLN A 202 -5.33 -4.17 34.17
CA GLN A 202 -4.34 -3.23 33.64
C GLN A 202 -4.56 -3.00 32.16
N PHE A 203 -5.08 -4.00 31.43
CA PHE A 203 -5.33 -3.83 30.00
C PHE A 203 -6.49 -2.85 29.76
N GLU A 204 -7.53 -2.97 30.55
CA GLU A 204 -8.62 -1.98 30.61
C GLU A 204 -8.16 -0.50 30.73
N LYS A 205 -7.15 -0.24 31.56
CA LYS A 205 -6.64 1.14 31.79
C LYS A 205 -5.65 1.65 30.72
N ASP A 206 -5.09 0.72 29.98
CA ASP A 206 -4.08 0.91 28.96
C ASP A 206 -4.71 1.73 27.80
N ARG A 207 -4.00 2.70 27.24
CA ARG A 207 -4.55 3.59 26.22
C ARG A 207 -3.80 3.40 24.90
N SER A 208 -3.37 2.16 24.64
CA SER A 208 -2.45 1.91 23.52
C SER A 208 -3.06 2.24 22.17
N PHE A 209 -4.35 1.97 21.98
CA PHE A 209 -4.99 2.24 20.68
C PHE A 209 -5.01 3.75 20.33
N GLU A 210 -5.30 4.56 21.33
CA GLU A 210 -5.20 6.01 21.23
C GLU A 210 -3.78 6.53 21.05
N ILE A 211 -2.84 6.00 21.84
CA ILE A 211 -1.42 6.31 21.69
C ILE A 211 -0.91 6.02 20.27
N ILE A 212 -1.26 4.87 19.71
CA ILE A 212 -0.87 4.51 18.37
C ILE A 212 -1.32 5.62 17.40
N ASN A 213 -2.54 6.09 17.55
CA ASN A 213 -3.03 7.13 16.65
C ASN A 213 -2.33 8.46 16.72
N VAL A 214 -1.93 8.85 17.94
CA VAL A 214 -1.18 10.10 18.09
C VAL A 214 0.22 9.93 17.47
N LEU A 215 0.83 8.76 17.65
CA LEU A 215 2.14 8.52 17.09
C LEU A 215 2.06 8.52 15.56
N LEU A 216 0.97 7.96 15.03
CA LEU A 216 0.78 8.01 13.58
C LEU A 216 0.68 9.46 13.08
N GLU A 217 -0.07 10.29 13.79
CA GLU A 217 -0.16 11.70 13.41
C GLU A 217 1.19 12.42 13.48
N LEU A 218 1.98 12.11 14.51
CA LEU A 218 3.33 12.61 14.59
C LEU A 218 4.20 12.22 13.40
N ASP A 219 3.86 11.12 12.74
CA ASP A 219 4.57 10.66 11.52
C ASP A 219 3.81 11.01 10.22
N ASN A 220 2.86 11.93 10.32
CA ASN A 220 1.95 12.34 9.19
C ASN A 220 1.33 11.17 8.46
N LYS A 221 0.77 10.24 9.24
CA LYS A 221 0.05 9.10 8.75
C LYS A 221 -1.38 9.25 9.22
N VAL A 222 -2.27 8.52 8.55
CA VAL A 222 -3.67 8.51 8.94
C VAL A 222 -3.90 7.58 10.13
N PRO A 223 -4.59 8.07 11.15
CA PRO A 223 -4.90 7.23 12.31
C PRO A 223 -5.75 6.01 11.93
N ILE A 224 -5.69 4.98 12.76
CA ILE A 224 -6.47 3.81 12.57
C ILE A 224 -7.90 4.02 13.01
N ASN A 225 -8.82 3.59 12.16
CA ASN A 225 -10.24 3.63 12.49
C ASN A 225 -10.60 2.34 13.23
N TRP A 226 -10.35 2.28 14.55
CA TRP A 226 -10.50 1.01 15.28
C TRP A 226 -11.92 0.38 15.24
N ALA A 227 -12.94 1.23 15.06
CA ALA A 227 -14.33 0.74 14.89
C ALA A 227 -14.55 -0.10 13.64
N GLN A 228 -13.68 -0.04 12.64
CA GLN A 228 -13.80 -0.98 11.51
C GLN A 228 -13.66 -2.45 11.92
N GLY A 229 -13.11 -2.71 13.10
CA GLY A 229 -12.95 -4.09 13.54
C GLY A 229 -14.24 -4.80 13.94
N PHE A 230 -15.30 -4.03 14.19
CA PHE A 230 -16.52 -4.62 14.72
C PHE A 230 -17.23 -5.45 13.70
N ILE A 231 -17.82 -6.54 14.19
CA ILE A 231 -18.69 -7.42 13.43
C ILE A 231 -20.09 -7.33 14.06
N TYR A 232 -21.09 -7.07 13.22
CA TYR A 232 -22.43 -6.70 13.69
C TYR A 232 -23.47 -7.78 13.49
N MET B 3 4.94 3.55 28.70
CA MET B 3 4.53 3.43 27.24
C MET B 3 3.02 3.42 27.04
N THR B 4 2.40 2.58 27.89
CA THR B 4 0.99 2.26 28.17
C THR B 4 -0.11 3.34 28.40
N SER B 5 0.27 4.36 29.16
CA SER B 5 -0.61 4.94 30.14
C SER B 5 -1.34 6.18 29.67
N SER B 6 -2.30 6.63 30.48
CA SER B 6 -2.92 7.94 30.28
C SER B 6 -1.90 9.05 30.28
N ALA B 7 -0.87 8.89 31.11
CA ALA B 7 0.20 9.91 31.22
C ALA B 7 1.01 10.02 29.93
N ASP B 8 1.32 8.87 29.34
CA ASP B 8 2.04 8.85 28.11
C ASP B 8 1.23 9.52 27.02
N LEU B 9 -0.07 9.19 26.93
CA LEU B 9 -0.98 9.77 25.95
C LEU B 9 -1.03 11.28 26.08
N THR B 10 -1.09 11.79 27.32
CA THR B 10 -1.11 13.24 27.53
C THR B 10 0.15 13.94 26.99
N ASN B 11 1.31 13.33 27.23
CA ASN B 11 2.56 13.91 26.71
C ASN B 11 2.59 13.90 25.18
N LEU B 12 2.16 12.79 24.57
CA LEU B 12 2.17 12.74 23.10
C LEU B 12 1.23 13.75 22.46
N LYS B 13 0.02 13.87 23.02
CA LYS B 13 -0.91 14.87 22.57
C LYS B 13 -0.36 16.28 22.67
N GLU B 14 0.41 16.56 23.72
CA GLU B 14 0.97 17.85 23.86
C GLU B 14 2.10 18.07 22.85
N LEU B 15 2.93 17.04 22.66
CA LEU B 15 3.94 17.06 21.62
C LEU B 15 3.30 17.33 20.26
N LEU B 16 2.19 16.67 19.94
CA LEU B 16 1.50 16.88 18.66
C LEU B 16 0.99 18.32 18.46
N SER B 17 0.40 18.88 19.52
CA SER B 17 -0.08 20.25 19.52
C SER B 17 1.05 21.25 19.29
N LEU B 18 2.19 21.05 19.94
CA LEU B 18 3.33 21.91 19.72
C LEU B 18 3.92 21.72 18.31
N TYR B 19 3.93 20.50 17.82
CA TYR B 19 4.36 20.23 16.43
C TYR B 19 3.53 20.97 15.38
N LYS B 20 2.22 20.93 15.53
CA LYS B 20 1.32 21.66 14.66
C LYS B 20 1.48 23.19 14.70
N SER B 21 1.88 23.78 15.83
CA SER B 21 2.18 25.25 15.87
C SER B 21 3.53 25.61 15.27
N LEU B 22 4.58 24.99 15.81
CA LEU B 22 5.97 25.31 15.46
C LEU B 22 6.29 26.81 15.41
N ARG B 23 5.68 27.58 16.31
CA ARG B 23 5.83 29.03 16.31
C ARG B 23 6.11 29.51 17.71
N PHE B 24 7.29 29.10 18.18
CA PHE B 24 7.63 29.22 19.58
C PHE B 24 7.97 30.67 19.89
N SER B 25 7.24 31.23 20.84
CA SER B 25 7.38 32.64 21.17
C SER B 25 8.28 32.87 22.38
N ASP B 26 8.68 31.79 23.05
CA ASP B 26 9.58 31.88 24.21
C ASP B 26 10.48 30.64 24.30
N SER B 27 11.47 30.72 25.19
CA SER B 27 12.41 29.63 25.42
C SER B 27 11.74 28.39 26.01
N ALA B 28 10.74 28.59 26.87
CA ALA B 28 10.01 27.53 27.52
C ALA B 28 9.40 26.59 26.53
N ALA B 29 8.63 27.14 25.59
CA ALA B 29 7.91 26.32 24.67
C ALA B 29 8.87 25.54 23.78
N ILE B 30 9.97 26.16 23.35
CA ILE B 30 10.88 25.46 22.45
C ILE B 30 11.63 24.35 23.23
N GLU B 31 11.98 24.64 24.47
CA GLU B 31 12.65 23.64 25.34
C GLU B 31 11.70 22.49 25.68
N LYS B 32 10.42 22.82 25.90
CA LYS B 32 9.40 21.79 26.13
C LYS B 32 9.23 20.88 24.93
N TYR B 33 9.08 21.50 23.76
CA TYR B 33 8.96 20.76 22.56
C TYR B 33 10.16 19.82 22.41
N ASN B 34 11.37 20.32 22.60
CA ASN B 34 12.54 19.48 22.34
C ASN B 34 12.72 18.38 23.39
N SER B 35 12.37 18.69 24.63
CA SER B 35 12.44 17.72 25.72
C SER B 35 11.37 16.59 25.53
N LEU B 36 10.17 16.94 25.04
CA LEU B 36 9.18 15.96 24.64
C LEU B 36 9.62 15.08 23.51
N VAL B 37 10.29 15.61 22.50
CA VAL B 37 10.90 14.82 21.43
C VAL B 37 11.88 13.78 22.02
N GLU B 38 12.78 14.26 22.87
CA GLU B 38 13.74 13.38 23.53
C GLU B 38 13.05 12.22 24.30
N TRP B 39 11.99 12.56 25.06
CA TRP B 39 11.26 11.58 25.86
C TRP B 39 10.57 10.57 24.93
N GLY B 40 9.93 11.09 23.87
CA GLY B 40 9.20 10.26 22.92
C GLY B 40 10.12 9.29 22.22
N THR B 41 11.29 9.79 21.83
CA THR B 41 12.28 9.00 21.09
C THR B 41 12.85 7.90 21.99
N SER B 42 13.18 8.26 23.24
CA SER B 42 13.64 7.29 24.23
C SER B 42 12.55 6.23 24.55
N THR B 43 11.32 6.68 24.76
CA THR B 43 10.22 5.81 25.17
C THR B 43 9.76 4.84 24.06
N TYR B 44 9.65 5.31 22.83
CA TYR B 44 9.10 4.56 21.69
C TYR B 44 10.13 4.16 20.66
N TRP B 45 11.40 4.41 20.95
CA TRP B 45 12.52 4.09 20.08
C TRP B 45 12.71 5.07 18.91
N LYS B 46 11.65 5.35 18.17
CA LYS B 46 11.69 6.24 17.01
C LYS B 46 10.35 6.92 16.94
N ILE B 47 10.34 8.24 16.76
CA ILE B 47 9.09 8.96 16.48
C ILE B 47 9.28 9.82 15.25
N GLY B 48 8.16 10.28 14.70
CA GLY B 48 8.16 10.95 13.41
C GLY B 48 8.65 12.40 13.36
N VAL B 49 8.87 13.01 14.52
CA VAL B 49 9.30 14.41 14.60
C VAL B 49 10.68 14.49 15.23
N GLN B 50 11.31 15.64 15.00
CA GLN B 50 12.70 15.87 15.29
C GLN B 50 12.82 17.12 16.13
N LYS B 51 13.87 17.19 16.94
CA LYS B 51 14.18 18.42 17.65
C LYS B 51 14.40 19.57 16.67
N VAL B 52 14.12 20.79 17.12
CA VAL B 52 14.35 22.00 16.29
C VAL B 52 15.35 23.00 16.94
N ASP C 13 16.93 -10.05 -2.74
CA ASP C 13 16.87 -8.55 -2.83
C ASP C 13 16.65 -8.10 -4.30
N PRO C 14 15.43 -7.59 -4.62
CA PRO C 14 15.15 -7.15 -6.02
C PRO C 14 15.57 -5.70 -6.38
N MET C 15 16.22 -4.99 -5.44
CA MET C 15 16.71 -3.59 -5.58
C MET C 15 18.18 -3.47 -6.02
N ASN C 16 18.47 -2.36 -6.69
CA ASN C 16 19.77 -2.08 -7.28
C ASN C 16 19.95 -0.59 -7.21
N SER C 17 21.13 -0.09 -7.48
CA SER C 17 21.32 1.35 -7.65
C SER C 17 22.31 1.68 -8.76
N VAL C 18 22.15 2.87 -9.33
CA VAL C 18 23.13 3.43 -10.25
C VAL C 18 23.44 4.82 -9.73
N THR C 19 24.59 5.31 -10.15
CA THR C 19 25.13 6.58 -9.71
C THR C 19 25.05 7.58 -10.85
N VAL C 20 24.57 8.78 -10.52
CA VAL C 20 24.53 9.91 -11.47
C VAL C 20 25.36 11.07 -10.92
N SER C 21 25.65 12.03 -11.78
CA SER C 21 26.55 13.13 -11.48
C SER C 21 25.91 14.37 -10.89
N HIS C 22 24.59 14.33 -10.74
CA HIS C 22 23.87 15.42 -10.11
C HIS C 22 22.90 14.88 -9.11
N ALA C 23 22.47 15.73 -8.19
CA ALA C 23 21.42 15.33 -7.23
C ALA C 23 20.30 14.65 -8.05
N PRO C 24 19.77 13.50 -7.61
CA PRO C 24 19.97 12.94 -6.29
C PRO C 24 21.18 11.99 -6.13
N TYR C 25 22.02 11.88 -7.14
CA TYR C 25 23.28 11.13 -7.13
C TYR C 25 23.15 9.60 -7.15
N THR C 26 22.16 9.06 -6.47
CA THR C 26 21.87 7.63 -6.44
C THR C 26 20.45 7.49 -6.94
N ILE C 27 20.22 6.54 -7.84
CA ILE C 27 18.86 6.15 -8.22
C ILE C 27 18.73 4.65 -7.96
N THR C 28 17.88 4.32 -7.01
CA THR C 28 17.57 2.95 -6.62
C THR C 28 16.43 2.45 -7.49
N TYR C 29 16.54 1.21 -7.99
CA TYR C 29 15.52 0.68 -8.89
C TYR C 29 15.30 -0.83 -8.69
N HIS C 30 14.06 -1.23 -8.88
CA HIS C 30 13.68 -2.61 -8.93
C HIS C 30 14.22 -3.23 -10.22
N ASP C 31 14.64 -4.50 -10.14
CA ASP C 31 15.17 -5.28 -11.29
C ASP C 31 14.41 -5.12 -12.60
N ASP C 32 13.09 -5.03 -12.51
CA ASP C 32 12.22 -4.84 -13.68
C ASP C 32 12.57 -3.63 -14.55
N TRP C 33 13.26 -2.63 -13.99
CA TRP C 33 13.64 -1.46 -14.72
C TRP C 33 15.05 -1.55 -15.32
N GLU C 34 15.79 -2.61 -15.00
CA GLU C 34 17.22 -2.68 -15.40
C GLU C 34 17.46 -2.29 -16.89
N PRO C 35 16.63 -2.77 -17.83
CA PRO C 35 16.94 -2.51 -19.26
C PRO C 35 16.98 -1.05 -19.70
N VAL C 36 16.40 -0.13 -18.94
CA VAL C 36 16.48 1.29 -19.28
C VAL C 36 17.47 2.10 -18.45
N MET C 37 18.05 1.50 -17.42
CA MET C 37 18.83 2.31 -16.48
C MET C 37 20.08 2.93 -17.10
N SER C 38 20.77 2.22 -17.99
CA SER C 38 21.96 2.77 -18.63
C SER C 38 21.64 4.05 -19.43
N GLN C 39 20.61 3.99 -20.26
CA GLN C 39 20.16 5.18 -21.01
C GLN C 39 19.61 6.28 -20.12
N LEU C 40 18.89 5.90 -19.07
CA LEU C 40 18.38 6.88 -18.14
C LEU C 40 19.55 7.70 -17.54
N VAL C 41 20.64 7.03 -17.17
CA VAL C 41 21.79 7.68 -16.54
C VAL C 41 22.40 8.68 -17.51
N GLU C 42 22.58 8.23 -18.75
CA GLU C 42 23.16 9.08 -19.77
C GLU C 42 22.32 10.32 -19.98
N PHE C 43 21.00 10.13 -20.13
CA PHE C 43 20.11 11.24 -20.41
C PHE C 43 20.03 12.18 -19.21
N TYR C 44 19.94 11.63 -18.00
CA TYR C 44 19.78 12.46 -16.80
C TYR C 44 21.03 13.35 -16.56
N ASN C 45 22.21 12.78 -16.76
CA ASN C 45 23.45 13.54 -16.65
C ASN C 45 23.55 14.70 -17.64
N GLU C 46 22.95 14.57 -18.82
CA GLU C 46 22.95 15.67 -19.81
C GLU C 46 22.08 16.86 -19.41
N VAL C 47 21.01 16.62 -18.65
CA VAL C 47 20.02 17.67 -18.37
C VAL C 47 19.89 18.07 -16.94
N ALA C 48 20.39 17.27 -16.00
CA ALA C 48 20.11 17.52 -14.59
C ALA C 48 20.53 18.90 -14.16
N SER C 49 21.68 19.38 -14.64
CA SER C 49 22.17 20.71 -14.23
C SER C 49 21.11 21.82 -14.42
N TRP C 50 20.53 21.85 -15.61
CA TRP C 50 19.53 22.86 -15.97
C TRP C 50 18.26 22.73 -15.14
N LEU C 51 17.84 21.50 -15.01
CA LEU C 51 16.71 21.16 -14.18
C LEU C 51 16.88 21.57 -12.68
N LEU C 52 18.04 21.29 -12.07
CA LEU C 52 18.25 21.58 -10.64
C LEU C 52 18.50 23.07 -10.27
N ARG C 53 18.62 23.94 -11.29
CA ARG C 53 18.60 25.40 -11.09
C ARG C 53 17.32 25.90 -10.41
N ASP C 54 16.20 25.23 -10.67
CA ASP C 54 14.91 25.55 -10.07
C ASP C 54 14.64 24.70 -8.86
N GLU C 55 13.98 25.29 -7.88
CA GLU C 55 13.29 24.51 -6.86
C GLU C 55 12.17 23.71 -7.55
N THR C 56 12.04 22.43 -7.17
CA THR C 56 11.12 21.51 -7.85
C THR C 56 10.04 20.88 -6.98
N SER C 57 9.00 20.42 -7.65
CA SER C 57 8.10 19.45 -7.10
C SER C 57 8.23 18.20 -7.94
N PRO C 58 8.46 17.04 -7.33
CA PRO C 58 8.93 16.89 -5.96
C PRO C 58 10.37 17.35 -5.80
N ILE C 59 10.94 17.16 -4.63
CA ILE C 59 12.38 17.35 -4.46
C ILE C 59 13.20 16.28 -5.21
N PRO C 60 14.44 16.61 -5.61
CA PRO C 60 15.27 15.67 -6.37
C PRO C 60 15.39 14.27 -5.78
N ASP C 61 15.48 14.16 -4.45
CA ASP C 61 15.57 12.85 -3.79
C ASP C 61 14.30 12.00 -4.01
N LYS C 62 13.22 12.61 -4.46
CA LYS C 62 11.98 11.92 -4.73
C LYS C 62 11.67 11.76 -6.21
N PHE C 63 12.43 12.36 -7.14
CA PHE C 63 12.06 12.29 -8.59
C PHE C 63 11.78 10.85 -9.03
N PHE C 64 12.65 9.95 -8.58
CA PHE C 64 12.73 8.58 -9.12
C PHE C 64 12.12 7.50 -8.21
N ILE C 65 11.35 7.88 -7.20
CA ILE C 65 10.92 6.91 -6.20
C ILE C 65 10.05 5.79 -6.80
N GLN C 66 9.30 6.06 -7.86
CA GLN C 66 8.47 5.00 -8.49
C GLN C 66 9.24 3.89 -9.18
N LEU C 67 10.53 4.13 -9.48
CA LEU C 67 11.39 3.07 -10.00
C LEU C 67 11.65 1.94 -8.98
N LYS C 68 11.32 2.17 -7.72
CA LYS C 68 11.35 1.10 -6.70
C LYS C 68 10.28 0.05 -6.90
N GLN C 69 9.24 0.38 -7.64
CA GLN C 69 8.12 -0.52 -7.78
C GLN C 69 8.34 -1.53 -8.92
N PRO C 70 7.90 -2.77 -8.69
CA PRO C 70 7.88 -3.76 -9.79
C PRO C 70 6.93 -3.38 -10.92
N LEU C 71 7.22 -3.94 -12.09
CA LEU C 71 6.38 -3.80 -13.24
C LEU C 71 5.72 -5.09 -13.69
N ARG C 72 6.36 -6.25 -13.49
CA ARG C 72 5.80 -7.52 -14.01
C ARG C 72 4.49 -7.93 -13.35
N ASN C 73 4.18 -7.37 -12.17
CA ASN C 73 2.87 -7.56 -11.60
C ASN C 73 1.83 -6.45 -11.91
N LYS C 74 2.07 -5.60 -12.91
CA LYS C 74 1.21 -4.48 -13.19
C LYS C 74 0.47 -4.74 -14.50
N ARG C 75 -0.80 -4.41 -14.50
CA ARG C 75 -1.57 -4.47 -15.73
C ARG C 75 -2.24 -3.18 -16.12
N VAL C 76 -2.19 -2.16 -15.25
CA VAL C 76 -2.68 -0.81 -15.62
C VAL C 76 -1.67 0.26 -15.19
N CYS C 77 -1.37 1.18 -16.08
CA CYS C 77 -0.64 2.40 -15.74
C CYS C 77 -1.63 3.57 -15.78
N VAL C 78 -1.73 4.28 -14.67
CA VAL C 78 -2.54 5.50 -14.60
C VAL C 78 -1.55 6.69 -14.63
N CYS C 79 -1.61 7.46 -15.71
CA CYS C 79 -0.55 8.41 -16.03
C CYS C 79 -1.04 9.83 -16.01
N GLY C 80 -0.40 10.66 -15.20
CA GLY C 80 -0.61 12.10 -15.25
C GLY C 80 0.51 12.78 -16.00
N ILE C 81 0.32 14.06 -16.34
CA ILE C 81 1.34 14.79 -17.10
C ILE C 81 2.63 15.09 -16.32
N ASP C 82 2.48 15.57 -15.09
CA ASP C 82 3.59 15.99 -14.26
C ASP C 82 3.13 16.20 -12.79
N PRO C 83 4.09 16.34 -11.86
CA PRO C 83 3.68 16.40 -10.47
C PRO C 83 2.74 17.54 -10.14
N TYR C 84 2.19 17.51 -8.92
CA TYR C 84 1.45 18.66 -8.43
C TYR C 84 2.45 19.84 -8.48
N PRO C 85 2.03 21.02 -8.98
CA PRO C 85 2.96 22.17 -8.97
C PRO C 85 3.61 22.49 -7.61
N LYS C 86 2.92 22.17 -6.51
CA LYS C 86 3.57 22.15 -5.20
C LYS C 86 3.22 20.90 -4.45
N ASP C 87 4.14 20.49 -3.56
CA ASP C 87 3.93 19.40 -2.60
C ASP C 87 3.97 17.98 -3.19
N GLY C 88 4.53 17.80 -4.37
CA GLY C 88 4.69 16.46 -4.94
C GLY C 88 5.54 15.61 -4.04
N THR C 89 5.17 14.33 -3.92
CA THR C 89 5.89 13.40 -3.07
C THR C 89 6.78 12.42 -3.85
N GLY C 90 6.76 12.48 -5.17
CA GLY C 90 7.35 11.42 -6.01
C GLY C 90 6.38 10.30 -6.41
N VAL C 91 5.27 10.19 -5.68
CA VAL C 91 4.23 9.22 -5.99
C VAL C 91 3.12 10.02 -6.66
N PRO C 92 2.89 9.75 -7.97
CA PRO C 92 1.87 10.50 -8.67
C PRO C 92 0.51 10.53 -7.98
N PHE C 93 -0.05 11.74 -7.92
CA PHE C 93 -1.37 12.02 -7.35
C PHE C 93 -1.43 11.94 -5.83
N GLU C 94 -0.35 11.47 -5.19
CA GLU C 94 -0.36 11.27 -3.76
C GLU C 94 -0.41 12.60 -3.01
N SER C 95 -1.38 12.67 -2.09
CA SER C 95 -1.52 13.80 -1.19
C SER C 95 -1.73 13.22 0.22
N PRO C 96 -0.67 13.15 1.04
CA PRO C 96 -0.74 12.51 2.35
C PRO C 96 -1.82 13.05 3.27
N ASN C 97 -2.07 14.35 3.21
CA ASN C 97 -3.19 14.91 4.00
C ASN C 97 -4.51 15.04 3.25
N PHE C 98 -4.60 14.47 2.04
CA PHE C 98 -5.81 14.44 1.25
C PHE C 98 -6.42 15.82 1.02
N THR C 99 -5.56 16.76 0.64
CA THR C 99 -5.95 18.14 0.32
C THR C 99 -5.93 18.53 -1.16
N LYS C 100 -5.30 17.75 -2.03
CA LYS C 100 -5.22 18.15 -3.43
C LYS C 100 -6.51 17.81 -4.16
N LYS C 101 -7.01 18.77 -4.93
CA LYS C 101 -8.26 18.58 -5.70
C LYS C 101 -8.27 17.35 -6.58
N SER C 102 -7.20 17.12 -7.32
CA SER C 102 -7.17 16.00 -8.26
C SER C 102 -7.43 14.63 -7.61
N ILE C 103 -6.75 14.32 -6.50
CA ILE C 103 -6.92 13.04 -5.82
C ILE C 103 -8.28 12.95 -5.15
N LYS C 104 -8.82 14.07 -4.68
CA LYS C 104 -10.15 14.08 -4.11
C LYS C 104 -11.20 13.81 -5.15
N GLU C 105 -11.01 14.34 -6.35
CA GLU C 105 -11.91 14.02 -7.48
C GLU C 105 -11.83 12.57 -7.93
N ILE C 106 -10.62 12.05 -8.04
CA ILE C 106 -10.45 10.63 -8.34
C ILE C 106 -11.16 9.78 -7.28
N ALA C 107 -10.95 10.10 -5.99
CA ALA C 107 -11.55 9.34 -4.90
C ALA C 107 -13.04 9.39 -4.96
N SER C 108 -13.55 10.56 -5.25
CA SER C 108 -14.96 10.76 -5.42
C SER C 108 -15.56 9.89 -6.56
N SER C 109 -14.86 9.79 -7.69
CA SER C 109 -15.31 8.88 -8.79
C SER C 109 -15.32 7.41 -8.37
N ILE C 110 -14.29 6.97 -7.65
CA ILE C 110 -14.26 5.61 -7.15
C ILE C 110 -15.35 5.36 -6.10
N SER C 111 -15.64 6.37 -5.28
CA SER C 111 -16.72 6.35 -4.31
C SER C 111 -18.06 6.07 -4.99
N ARG C 112 -18.34 6.78 -6.07
CA ARG C 112 -19.62 6.58 -6.80
C ARG C 112 -19.63 5.22 -7.45
N LEU C 113 -18.52 4.82 -8.07
CA LEU C 113 -18.41 3.49 -8.67
C LEU C 113 -18.57 2.34 -7.67
N THR C 114 -17.98 2.45 -6.48
CA THR C 114 -17.94 1.35 -5.51
C THR C 114 -19.02 1.38 -4.46
N GLY C 115 -19.66 2.53 -4.27
CA GLY C 115 -20.55 2.71 -3.14
C GLY C 115 -19.87 3.05 -1.84
N VAL C 116 -18.52 3.12 -1.80
CA VAL C 116 -17.79 3.35 -0.56
C VAL C 116 -17.97 4.81 -0.20
N ILE C 117 -18.57 5.08 0.97
CA ILE C 117 -19.14 6.41 1.28
C ILE C 117 -18.31 7.18 2.31
N ASP C 118 -17.82 6.50 3.34
CA ASP C 118 -16.93 7.09 4.34
C ASP C 118 -15.53 6.64 4.01
N TYR C 119 -14.59 7.60 3.91
CA TYR C 119 -13.16 7.32 3.73
C TYR C 119 -12.37 8.57 4.10
N LYS C 120 -11.07 8.46 4.37
CA LYS C 120 -10.24 9.63 4.74
C LYS C 120 -9.24 9.97 3.68
N GLY C 121 -8.98 9.09 2.72
CA GLY C 121 -7.86 9.29 1.80
C GLY C 121 -7.98 8.39 0.61
N TYR C 122 -7.10 8.57 -0.36
CA TYR C 122 -7.01 7.67 -1.49
C TYR C 122 -5.61 7.72 -2.06
N ASN C 123 -5.04 6.56 -2.39
CA ASN C 123 -3.71 6.51 -2.98
C ASN C 123 -3.75 5.47 -4.11
N LEU C 124 -3.49 5.90 -5.36
CA LEU C 124 -3.40 4.96 -6.47
C LEU C 124 -2.24 4.00 -6.36
N ASN C 125 -1.26 4.30 -5.52
CA ASN C 125 -0.06 3.46 -5.40
C ASN C 125 -0.18 2.24 -4.48
N ILE C 126 -1.34 2.02 -3.87
CA ILE C 126 -1.53 0.85 -3.00
C ILE C 126 -2.53 -0.16 -3.56
N ILE C 127 -2.72 -0.12 -4.87
CA ILE C 127 -3.73 -0.93 -5.55
C ILE C 127 -2.99 -2.01 -6.33
N ASP C 128 -3.38 -3.28 -6.10
CA ASP C 128 -2.71 -4.41 -6.76
C ASP C 128 -2.91 -4.22 -8.28
N GLY C 129 -1.83 -4.36 -9.05
CA GLY C 129 -1.89 -4.25 -10.52
C GLY C 129 -1.87 -2.85 -11.13
N VAL C 130 -1.80 -1.80 -10.31
CA VAL C 130 -1.80 -0.45 -10.80
C VAL C 130 -0.44 0.18 -10.57
N ILE C 131 0.15 0.79 -11.60
CA ILE C 131 1.32 1.70 -11.42
C ILE C 131 0.93 3.15 -11.80
N PRO C 132 0.78 4.04 -10.80
CA PRO C 132 0.61 5.43 -11.13
C PRO C 132 1.93 6.04 -11.56
N TRP C 133 1.84 6.92 -12.54
CA TRP C 133 2.98 7.42 -13.26
C TRP C 133 2.74 8.88 -13.63
N ASN C 134 3.86 9.63 -13.69
CA ASN C 134 3.91 10.99 -14.22
C ASN C 134 4.82 11.07 -15.45
N TYR C 135 4.29 11.58 -16.56
CA TYR C 135 5.05 11.52 -17.81
C TYR C 135 6.36 12.27 -17.66
N TYR C 136 6.28 13.51 -17.17
CA TYR C 136 7.45 14.28 -16.78
C TYR C 136 7.62 14.15 -15.24
N LEU C 137 8.85 14.02 -14.76
CA LEU C 137 9.11 13.64 -13.35
C LEU C 137 9.33 14.82 -12.38
N SER C 138 9.35 16.04 -12.90
CA SER C 138 9.41 17.23 -12.07
C SER C 138 8.78 18.38 -12.79
N CYS C 139 8.44 19.39 -12.01
CA CYS C 139 8.17 20.74 -12.54
C CYS C 139 8.83 21.75 -11.61
N LYS C 140 9.11 22.93 -12.17
CA LYS C 140 9.54 24.07 -11.39
C LYS C 140 8.41 24.37 -10.43
N LEU C 141 8.74 24.66 -9.19
CA LEU C 141 7.73 24.91 -8.15
C LEU C 141 6.66 25.93 -8.62
N GLY C 142 5.39 25.54 -8.49
CA GLY C 142 4.27 26.35 -8.93
C GLY C 142 4.01 26.42 -10.42
N GLU C 143 4.70 25.64 -11.24
CA GLU C 143 4.61 25.85 -12.69
C GLU C 143 4.55 24.55 -13.51
N THR C 144 3.34 24.08 -13.76
CA THR C 144 3.13 22.87 -14.54
C THR C 144 3.75 22.94 -15.93
N LYS C 145 4.30 21.80 -16.35
CA LYS C 145 4.92 21.58 -17.64
C LYS C 145 6.20 22.35 -17.86
N SER C 146 6.68 23.03 -16.85
CA SER C 146 7.87 23.84 -17.02
C SER C 146 9.14 23.00 -17.33
N HIS C 147 9.15 21.70 -17.02
CA HIS C 147 10.34 20.90 -17.25
C HIS C 147 10.21 19.91 -18.39
N ALA C 148 9.20 20.10 -19.22
CA ALA C 148 8.90 19.24 -20.34
C ALA C 148 10.13 19.03 -21.21
N ILE C 149 10.77 20.14 -21.55
CA ILE C 149 11.98 20.10 -22.36
C ILE C 149 13.14 19.26 -21.81
N TYR C 150 13.34 19.27 -20.49
CA TYR C 150 14.43 18.51 -19.89
C TYR C 150 14.13 17.00 -19.88
N TRP C 151 12.87 16.64 -19.56
CA TRP C 151 12.49 15.22 -19.37
C TRP C 151 12.16 14.49 -20.66
N ASP C 152 11.83 15.26 -21.68
CA ASP C 152 11.49 14.76 -23.01
C ASP C 152 11.93 13.32 -23.40
N LYS C 153 13.24 13.09 -23.55
CA LYS C 153 13.68 11.75 -24.02
C LYS C 153 13.56 10.68 -22.94
N ILE C 154 13.79 11.10 -21.70
CA ILE C 154 13.61 10.25 -20.55
C ILE C 154 12.15 9.76 -20.44
N SER C 155 11.21 10.71 -20.61
CA SER C 155 9.79 10.45 -20.45
C SER C 155 9.34 9.39 -21.46
N LYS C 156 9.81 9.54 -22.70
CA LYS C 156 9.60 8.50 -23.73
C LYS C 156 10.19 7.16 -23.34
N LEU C 157 11.46 7.19 -22.91
CA LEU C 157 12.14 5.98 -22.54
C LEU C 157 11.37 5.16 -21.48
N LEU C 158 10.93 5.87 -20.45
CA LEU C 158 10.33 5.22 -19.29
C LEU C 158 8.91 4.75 -19.60
N LEU C 159 8.14 5.58 -20.26
CA LEU C 159 6.76 5.22 -20.55
C LEU C 159 6.69 4.04 -21.49
N GLN C 160 7.57 4.00 -22.47
CA GLN C 160 7.63 2.84 -23.38
C GLN C 160 7.95 1.55 -22.61
N HIS C 161 8.86 1.65 -21.65
CA HIS C 161 9.19 0.47 -20.85
C HIS C 161 8.00 -0.03 -20.03
N ILE C 162 7.31 0.91 -19.39
CA ILE C 162 6.07 0.60 -18.68
C ILE C 162 5.06 -0.10 -19.58
N THR C 163 4.85 0.41 -20.80
CA THR C 163 3.80 -0.13 -21.64
C THR C 163 4.12 -1.49 -22.27
N LYS C 164 5.35 -1.94 -22.16
CA LYS C 164 5.67 -3.32 -22.42
C LYS C 164 5.12 -4.29 -21.39
N HIS C 165 4.81 -3.81 -20.21
CA HIS C 165 4.33 -4.65 -19.12
C HIS C 165 2.83 -4.55 -18.93
N VAL C 166 2.26 -3.35 -18.97
CA VAL C 166 0.86 -3.20 -18.66
C VAL C 166 -0.05 -3.55 -19.85
N SER C 167 -1.29 -3.93 -19.58
CA SER C 167 -2.31 -4.21 -20.58
C SER C 167 -3.01 -2.91 -21.04
N VAL C 168 -3.15 -1.96 -20.11
CA VAL C 168 -3.92 -0.74 -20.35
C VAL C 168 -3.20 0.48 -19.76
N LEU C 169 -3.05 1.51 -20.59
CA LEU C 169 -2.54 2.82 -20.24
C LEU C 169 -3.73 3.78 -20.20
N TYR C 170 -3.92 4.42 -19.05
CA TYR C 170 -4.94 5.44 -18.84
C TYR C 170 -4.23 6.78 -18.56
N CYS C 171 -4.37 7.72 -19.47
CA CYS C 171 -3.83 9.09 -19.36
C CYS C 171 -4.92 10.07 -18.99
N LEU C 172 -4.65 10.92 -18.01
CA LEU C 172 -5.61 11.92 -17.58
C LEU C 172 -5.20 13.27 -18.15
N GLY C 173 -5.98 13.80 -19.08
CA GLY C 173 -5.66 15.09 -19.69
C GLY C 173 -5.81 15.03 -21.19
N LYS C 174 -6.95 15.53 -21.69
CA LYS C 174 -7.24 15.41 -23.12
C LYS C 174 -6.23 16.17 -23.94
N THR C 175 -5.95 17.40 -23.52
CA THR C 175 -5.02 18.22 -24.25
C THR C 175 -3.57 17.83 -23.98
N ASP C 176 -3.24 17.52 -22.72
CA ASP C 176 -1.88 17.05 -22.36
C ASP C 176 -1.45 15.81 -23.16
N PHE C 177 -2.39 14.89 -23.39
CA PHE C 177 -2.10 13.61 -24.04
C PHE C 177 -2.70 13.37 -25.44
N SER C 178 -3.15 14.43 -26.10
CA SER C 178 -3.70 14.29 -27.45
C SER C 178 -2.74 13.60 -28.43
N ASN C 179 -1.45 13.71 -28.23
CA ASN C 179 -0.45 13.13 -29.11
C ASN C 179 0.28 11.89 -28.54
N ILE C 180 -0.26 11.28 -27.48
CA ILE C 180 0.51 10.28 -26.74
C ILE C 180 0.90 9.06 -27.59
N ARG C 181 0.07 8.69 -28.56
CA ARG C 181 0.39 7.53 -29.38
C ARG C 181 1.69 7.74 -30.16
N ALA C 182 1.96 8.97 -30.58
CA ALA C 182 3.22 9.28 -31.27
C ALA C 182 4.46 9.11 -30.40
N LYS C 183 4.33 9.18 -29.06
CA LYS C 183 5.46 8.94 -28.15
C LYS C 183 5.78 7.50 -27.89
N LEU C 184 4.86 6.61 -28.23
CA LEU C 184 5.04 5.19 -28.01
C LEU C 184 5.23 4.51 -29.34
N GLU C 185 6.13 3.55 -29.41
CA GLU C 185 6.36 2.87 -30.68
C GLU C 185 5.31 1.80 -30.81
N SER C 186 5.39 0.87 -29.89
CA SER C 186 4.56 -0.28 -29.88
C SER C 186 3.09 0.05 -29.40
N PRO C 187 2.08 -0.38 -30.15
CA PRO C 187 0.69 -0.16 -29.70
C PRO C 187 0.40 -0.78 -28.32
N VAL C 188 -0.38 -0.06 -27.55
CA VAL C 188 -0.92 -0.59 -26.29
C VAL C 188 -2.31 0.04 -26.13
N THR C 189 -3.20 -0.69 -25.49
CA THR C 189 -4.53 -0.16 -25.17
C THR C 189 -4.37 1.16 -24.40
N THR C 190 -4.91 2.21 -24.96
CA THR C 190 -4.70 3.55 -24.47
C THR C 190 -6.06 4.21 -24.35
N ILE C 191 -6.38 4.67 -23.13
CA ILE C 191 -7.56 5.49 -22.89
C ILE C 191 -7.09 6.85 -22.39
N VAL C 192 -7.47 7.90 -23.12
CA VAL C 192 -7.24 9.26 -22.69
C VAL C 192 -8.53 9.84 -22.19
N GLY C 193 -8.59 10.16 -20.90
CA GLY C 193 -9.75 10.76 -20.27
C GLY C 193 -9.49 12.22 -19.89
N TYR C 194 -10.50 12.87 -19.32
CA TYR C 194 -10.37 14.25 -18.81
C TYR C 194 -9.46 14.33 -17.60
N HIS C 195 -8.81 15.46 -17.43
CA HIS C 195 -8.12 15.79 -16.17
C HIS C 195 -9.18 16.11 -15.11
N PRO C 196 -8.92 15.78 -13.83
CA PRO C 196 -9.96 16.13 -12.83
C PRO C 196 -10.42 17.60 -12.76
N ALA C 197 -9.55 18.54 -13.13
CA ALA C 197 -9.90 19.96 -13.22
C ALA C 197 -10.55 20.43 -14.55
N ALA C 198 -10.93 19.50 -15.45
CA ALA C 198 -11.56 19.87 -16.73
C ALA C 198 -12.86 20.65 -16.54
N ARG C 199 -13.16 21.54 -17.47
CA ARG C 199 -14.30 22.41 -17.33
C ARG C 199 -15.59 21.62 -17.33
N ASP C 200 -16.67 22.26 -16.87
CA ASP C 200 -18.04 21.72 -16.89
C ASP C 200 -18.17 20.33 -16.28
N ARG C 201 -17.42 20.08 -15.20
CA ARG C 201 -17.53 18.83 -14.45
C ARG C 201 -17.37 17.60 -15.35
N GLN C 202 -16.58 17.70 -16.41
CA GLN C 202 -16.48 16.57 -17.34
C GLN C 202 -15.80 15.33 -16.73
N PHE C 203 -14.85 15.54 -15.81
CA PHE C 203 -14.24 14.39 -15.11
C PHE C 203 -15.26 13.53 -14.35
N GLU C 204 -16.22 14.13 -13.68
CA GLU C 204 -17.19 13.34 -12.91
C GLU C 204 -18.19 12.50 -13.75
N LYS C 205 -18.35 12.79 -15.03
CA LYS C 205 -19.16 11.95 -15.95
C LYS C 205 -18.32 10.89 -16.72
N ASP C 206 -17.00 11.02 -16.62
CA ASP C 206 -16.03 10.14 -17.24
C ASP C 206 -16.10 8.77 -16.56
N ARG C 207 -16.12 7.68 -17.35
CA ARG C 207 -16.27 6.35 -16.80
C ARG C 207 -15.01 5.50 -17.02
N SER C 208 -13.85 6.16 -16.99
CA SER C 208 -12.57 5.52 -17.32
C SER C 208 -12.27 4.32 -16.46
N PHE C 209 -12.55 4.44 -15.18
CA PHE C 209 -12.18 3.37 -14.25
C PHE C 209 -12.91 2.06 -14.58
N GLU C 210 -14.20 2.18 -14.91
CA GLU C 210 -15.01 1.04 -15.33
C GLU C 210 -14.60 0.50 -16.72
N ILE C 211 -14.33 1.41 -17.65
CA ILE C 211 -13.85 1.08 -18.98
C ILE C 211 -12.55 0.27 -18.93
N ILE C 212 -11.61 0.71 -18.09
CA ILE C 212 -10.36 -0.04 -17.92
C ILE C 212 -10.64 -1.52 -17.58
N ASN C 213 -11.58 -1.73 -16.68
CA ASN C 213 -11.88 -3.07 -16.24
C ASN C 213 -12.50 -3.96 -17.31
N VAL C 214 -13.32 -3.38 -18.21
CA VAL C 214 -13.88 -4.14 -19.30
C VAL C 214 -12.76 -4.47 -20.30
N LEU C 215 -11.91 -3.49 -20.60
CA LEU C 215 -10.74 -3.70 -21.44
C LEU C 215 -9.86 -4.79 -20.90
N LEU C 216 -9.66 -4.82 -19.57
CA LEU C 216 -8.86 -5.88 -18.96
C LEU C 216 -9.51 -7.24 -19.20
N GLU C 217 -10.82 -7.32 -19.03
CA GLU C 217 -11.54 -8.57 -19.27
C GLU C 217 -11.47 -8.99 -20.72
N LEU C 218 -11.52 -8.05 -21.65
CA LEU C 218 -11.30 -8.38 -23.06
C LEU C 218 -9.89 -8.90 -23.33
N ASP C 219 -8.94 -8.58 -22.47
CA ASP C 219 -7.56 -9.07 -22.61
C ASP C 219 -7.28 -10.23 -21.65
N ASN C 220 -8.33 -10.85 -21.11
CA ASN C 220 -8.20 -11.99 -20.24
C ASN C 220 -7.41 -11.67 -18.95
N LYS C 221 -7.60 -10.46 -18.44
CA LYS C 221 -6.97 -10.06 -17.19
C LYS C 221 -8.03 -9.81 -16.13
N VAL C 222 -7.60 -9.90 -14.88
CA VAL C 222 -8.47 -9.69 -13.73
C VAL C 222 -8.69 -8.19 -13.59
N PRO C 223 -9.92 -7.75 -13.29
CA PRO C 223 -10.13 -6.31 -13.11
C PRO C 223 -9.44 -5.75 -11.90
N ILE C 224 -9.17 -4.46 -11.96
CA ILE C 224 -8.63 -3.72 -10.85
C ILE C 224 -9.71 -3.58 -9.75
N ASN C 225 -9.31 -3.79 -8.49
CA ASN C 225 -10.17 -3.51 -7.35
C ASN C 225 -9.86 -2.09 -6.90
N TRP C 226 -10.59 -1.15 -7.49
CA TRP C 226 -10.30 0.28 -7.26
C TRP C 226 -10.46 0.73 -5.78
N ALA C 227 -11.31 0.03 -5.03
CA ALA C 227 -11.52 0.26 -3.59
C ALA C 227 -10.24 0.06 -2.75
N GLN C 228 -9.27 -0.68 -3.28
CA GLN C 228 -8.02 -0.85 -2.52
C GLN C 228 -7.25 0.46 -2.29
N GLY C 229 -7.56 1.48 -3.07
CA GLY C 229 -6.91 2.76 -2.96
C GLY C 229 -7.36 3.55 -1.75
N PHE C 230 -8.53 3.21 -1.17
CA PHE C 230 -9.04 3.98 -0.06
C PHE C 230 -8.20 3.80 1.20
N ILE C 231 -8.12 4.90 1.94
CA ILE C 231 -7.53 4.97 3.26
C ILE C 231 -8.65 5.38 4.18
N TYR C 232 -8.87 4.56 5.20
CA TYR C 232 -9.94 4.81 6.18
C TYR C 232 -9.35 5.20 7.53
N ALA D 2 -14.35 11.12 -27.29
CA ALA D 2 -14.42 9.62 -27.38
C ALA D 2 -13.65 9.00 -26.20
N MET D 3 -13.43 7.69 -26.25
CA MET D 3 -12.69 6.93 -25.24
C MET D 3 -13.41 6.65 -23.93
N THR D 4 -14.07 7.66 -23.36
CA THR D 4 -14.23 7.75 -21.93
C THR D 4 -15.67 7.85 -21.36
N SER D 5 -16.66 7.71 -22.24
CA SER D 5 -18.06 7.98 -21.92
C SER D 5 -18.84 6.71 -21.59
N SER D 6 -20.04 6.90 -21.05
CA SER D 6 -21.01 5.83 -20.85
C SER D 6 -21.32 5.08 -22.12
N ALA D 7 -21.42 5.82 -23.22
CA ALA D 7 -21.63 5.22 -24.55
C ALA D 7 -20.46 4.28 -24.90
N ASP D 8 -19.24 4.69 -24.60
CA ASP D 8 -18.09 3.83 -24.88
C ASP D 8 -18.15 2.54 -24.06
N LEU D 9 -18.46 2.71 -22.78
CA LEU D 9 -18.60 1.59 -21.88
C LEU D 9 -19.67 0.61 -22.36
N THR D 10 -20.82 1.11 -22.78
CA THR D 10 -21.86 0.23 -23.28
C THR D 10 -21.37 -0.66 -24.42
N ASN D 11 -20.69 -0.06 -25.38
CA ASN D 11 -20.21 -0.79 -26.54
C ASN D 11 -19.17 -1.87 -26.15
N LEU D 12 -18.28 -1.52 -25.21
CA LEU D 12 -17.29 -2.51 -24.76
C LEU D 12 -17.95 -3.65 -24.05
N LYS D 13 -18.94 -3.38 -23.21
CA LYS D 13 -19.64 -4.47 -22.54
C LYS D 13 -20.34 -5.38 -23.55
N GLU D 14 -20.96 -4.76 -24.57
CA GLU D 14 -21.58 -5.57 -25.57
C GLU D 14 -20.55 -6.38 -26.29
N LEU D 15 -19.43 -5.76 -26.64
CA LEU D 15 -18.35 -6.51 -27.26
C LEU D 15 -17.93 -7.69 -26.42
N LEU D 16 -17.78 -7.50 -25.12
CA LEU D 16 -17.39 -8.61 -24.23
C LEU D 16 -18.43 -9.72 -24.18
N SER D 17 -19.70 -9.33 -24.10
CA SER D 17 -20.78 -10.29 -24.11
C SER D 17 -20.80 -11.12 -25.40
N LEU D 18 -20.62 -10.45 -26.54
CA LEU D 18 -20.56 -11.15 -27.82
C LEU D 18 -19.38 -12.09 -27.94
N TYR D 19 -18.24 -11.64 -27.44
CA TYR D 19 -17.06 -12.49 -27.41
C TYR D 19 -17.35 -13.79 -26.63
N LYS D 20 -18.07 -13.67 -25.52
CA LYS D 20 -18.36 -14.85 -24.67
C LYS D 20 -19.39 -15.75 -25.30
N SER D 21 -20.40 -15.19 -25.96
CA SER D 21 -21.47 -15.97 -26.59
C SER D 21 -21.15 -16.44 -28.02
N LEU D 22 -19.96 -16.14 -28.53
CA LEU D 22 -19.75 -16.26 -29.96
C LEU D 22 -19.80 -17.71 -30.44
N ARG D 23 -20.57 -17.94 -31.49
CA ARG D 23 -20.68 -19.24 -32.15
C ARG D 23 -20.35 -19.03 -33.61
N PHE D 24 -19.49 -19.89 -34.12
CA PHE D 24 -19.00 -19.80 -35.48
C PHE D 24 -20.07 -20.10 -36.53
N SER D 25 -21.11 -20.85 -36.17
CA SER D 25 -22.26 -21.03 -37.07
C SER D 25 -23.19 -19.82 -37.15
N ASP D 26 -23.03 -18.81 -36.28
CA ASP D 26 -23.92 -17.63 -36.22
C ASP D 26 -23.28 -16.46 -36.98
N SER D 27 -23.55 -16.43 -38.29
CA SER D 27 -23.01 -15.46 -39.24
C SER D 27 -23.24 -13.98 -38.86
N ALA D 28 -24.44 -13.68 -38.38
CA ALA D 28 -24.82 -12.32 -38.05
C ALA D 28 -24.10 -11.83 -36.78
N ALA D 29 -23.95 -12.71 -35.80
CA ALA D 29 -23.23 -12.39 -34.59
C ALA D 29 -21.73 -12.14 -34.85
N ILE D 30 -21.15 -12.91 -35.76
CA ILE D 30 -19.75 -12.77 -36.17
C ILE D 30 -19.53 -11.38 -36.78
N GLU D 31 -20.40 -11.00 -37.71
CA GLU D 31 -20.29 -9.70 -38.39
C GLU D 31 -20.43 -8.55 -37.37
N LYS D 32 -21.34 -8.69 -36.41
CA LYS D 32 -21.58 -7.66 -35.40
C LYS D 32 -20.36 -7.57 -34.47
N TYR D 33 -19.90 -8.74 -34.00
CA TYR D 33 -18.66 -8.87 -33.23
C TYR D 33 -17.50 -8.21 -33.95
N ASN D 34 -17.26 -8.55 -35.21
CA ASN D 34 -16.14 -7.93 -35.92
C ASN D 34 -16.27 -6.43 -36.07
N SER D 35 -17.49 -5.92 -36.28
CA SER D 35 -17.64 -4.47 -36.40
C SER D 35 -17.29 -3.75 -35.07
N LEU D 36 -17.63 -4.39 -33.96
CA LEU D 36 -17.28 -3.84 -32.63
C LEU D 36 -15.80 -3.93 -32.34
N VAL D 37 -15.13 -4.96 -32.81
CA VAL D 37 -13.68 -5.07 -32.70
C VAL D 37 -12.98 -3.95 -33.45
N GLU D 38 -13.46 -3.65 -34.67
CA GLU D 38 -12.88 -2.58 -35.44
C GLU D 38 -13.03 -1.25 -34.71
N TRP D 39 -14.22 -0.99 -34.14
CA TRP D 39 -14.47 0.22 -33.39
C TRP D 39 -13.54 0.28 -32.15
N GLY D 40 -13.46 -0.80 -31.40
CA GLY D 40 -12.61 -0.81 -30.19
C GLY D 40 -11.11 -0.63 -30.47
N THR D 41 -10.64 -1.28 -31.54
CA THR D 41 -9.23 -1.17 -31.97
C THR D 41 -8.87 0.26 -32.40
N SER D 42 -9.77 0.88 -33.16
CA SER D 42 -9.55 2.24 -33.61
C SER D 42 -9.60 3.22 -32.42
N THR D 43 -10.56 3.02 -31.53
CA THR D 43 -10.75 3.92 -30.42
C THR D 43 -9.61 3.80 -29.36
N TYR D 44 -9.17 2.59 -29.07
CA TYR D 44 -8.21 2.36 -27.96
C TYR D 44 -6.83 1.93 -28.44
N TRP D 45 -6.61 1.99 -29.77
CA TRP D 45 -5.36 1.63 -30.43
C TRP D 45 -5.17 0.13 -30.51
N LYS D 46 -5.30 -0.57 -29.38
CA LYS D 46 -5.19 -2.03 -29.35
C LYS D 46 -6.15 -2.55 -28.28
N ILE D 47 -6.77 -3.69 -28.54
CA ILE D 47 -7.57 -4.40 -27.53
C ILE D 47 -7.24 -5.89 -27.58
N GLY D 48 -7.71 -6.63 -26.56
CA GLY D 48 -7.30 -8.01 -26.33
C GLY D 48 -8.05 -9.07 -27.11
N VAL D 49 -9.09 -8.67 -27.86
CA VAL D 49 -9.76 -9.57 -28.81
C VAL D 49 -9.47 -9.14 -30.25
N GLN D 50 -9.43 -10.11 -31.16
CA GLN D 50 -9.30 -9.81 -32.58
C GLN D 50 -10.49 -10.31 -33.38
N LYS D 51 -10.49 -9.84 -34.63
CA LYS D 51 -11.49 -10.21 -35.57
C LYS D 51 -11.50 -11.70 -35.83
N VAL D 52 -12.72 -12.19 -35.91
CA VAL D 52 -13.25 -13.24 -36.78
C VAL D 52 -13.83 -14.42 -36.04
S SO4 E . -4.35 -15.79 25.18
O1 SO4 E . -4.43 -14.38 24.73
O2 SO4 E . -3.68 -16.68 24.19
O3 SO4 E . -3.60 -15.82 26.44
O4 SO4 E . -5.74 -16.24 25.41
S SO4 F . -10.03 -18.14 27.11
O1 SO4 F . -11.02 -17.52 26.23
O2 SO4 F . -8.77 -17.37 27.12
O3 SO4 F . -10.56 -18.13 28.49
O4 SO4 F . -9.68 -19.50 26.66
S SO4 G . 1.72 -8.62 31.09
O1 SO4 G . 1.32 -7.71 29.98
O2 SO4 G . 3.10 -9.18 30.90
O3 SO4 G . 1.69 -7.87 32.38
O4 SO4 G . 0.69 -9.69 31.14
S SO4 H . -16.62 -21.87 19.34
O1 SO4 H . -16.15 -20.46 19.39
O2 SO4 H . -15.47 -22.79 19.21
O3 SO4 H . -17.53 -22.06 18.20
O4 SO4 H . -17.32 -22.16 20.61
N1 URA I . -2.83 -13.97 22.12
C2 URA I . -1.87 -13.71 21.21
O2 URA I . -0.82 -13.16 21.57
N3 URA I . -2.03 -14.04 19.90
C4 URA I . -3.12 -14.65 19.48
O4 URA I . -3.25 -14.98 18.28
C5 URA I . -4.15 -14.94 20.39
C6 URA I . -3.96 -14.57 21.72
S SO4 J . -3.00 19.16 -10.84
O1 SO4 J . -3.36 20.09 -11.92
O2 SO4 J . -1.52 19.07 -10.70
O3 SO4 J . -3.61 19.60 -9.58
O4 SO4 J . -3.58 17.84 -11.25
S SO4 K . -5.45 22.30 -5.68
O1 SO4 K . -5.35 21.75 -7.04
O2 SO4 K . -4.19 22.96 -5.31
O3 SO4 K . -5.79 21.24 -4.70
O4 SO4 K . -6.54 23.30 -5.65
S SO4 L . -8.78 18.37 -20.14
O1 SO4 L . -8.69 19.13 -18.87
O2 SO4 L . -7.64 18.67 -21.05
O3 SO4 L . -8.76 16.90 -19.87
O4 SO4 L . -10.06 18.72 -20.82
N1 URA M . -1.61 15.75 -11.68
C2 URA M . -0.82 14.86 -12.32
O2 URA M . -0.94 14.70 -13.55
N3 URA M . 0.11 14.15 -11.65
C4 URA M . 0.28 14.29 -10.32
O4 URA M . 1.16 13.65 -9.68
C5 URA M . -0.53 15.19 -9.64
C6 URA M . -1.49 15.91 -10.35
#